data_3OLF
#
_entry.id   3OLF
#
_cell.length_a   72.280
_cell.length_b   84.860
_cell.length_c   191.560
_cell.angle_alpha   90.00
_cell.angle_beta   90.00
_cell.angle_gamma   90.00
#
_symmetry.space_group_name_H-M   'C 2 2 21'
#
loop_
_entity.id
_entity.type
_entity.pdbx_description
1 polymer 'Bile acid receptor'
2 polymer 'peptide of Nuclear receptor coactivator 1'
3 non-polymer '4-({(2S)-2-[2-(4-chlorophenyl)-5,6-difluoro-1H-benzimidazol-1-yl]-2-cyclohexylacetyl}amino)-3-methylbenzoic acid'
4 water water
#
loop_
_entity_poly.entity_id
_entity_poly.type
_entity_poly.pdbx_seq_one_letter_code
_entity_poly.pdbx_strand_id
1 'polypeptide(L)'
;GSHMELTPDQQTLLHFIMDSYNKQRMPQEITNKILKEAFSAEENFLILTEMATNHVQVLVEFTKKLPGFQTLDHEDQIAL
LKGSAVEAMFLRSAEIFNKKLPSGHSDLLEARIRNSGISDEYITPMFSFYKSIGELKMTQEEYALLTAIVILSPDRQYIK
DREAVEKLQEPLLDVLQKLCKIHQPENPQHFACLLGRLTELRTFNHHHAEMLMSWRVNDHKFTPLLCEIWDVQ
;
A,C
2 'polypeptide(L)' KDHQLLRYLLDKDE B,D
#
loop_
_chem_comp.id
_chem_comp.type
_chem_comp.name
_chem_comp.formula
OLF non-polymer '4-({(2S)-2-[2-(4-chlorophenyl)-5,6-difluoro-1H-benzimidazol-1-yl]-2-cyclohexylacetyl}amino)-3-methylbenzoic acid' 'C29 H26 Cl F2 N3 O3'
#
# COMPACT_ATOMS: atom_id res chain seq x y z
N MET A 4 -26.38 38.39 -19.33
CA MET A 4 -26.60 37.59 -18.12
C MET A 4 -26.93 36.13 -18.44
N GLU A 5 -28.04 35.87 -19.17
CA GLU A 5 -28.50 34.53 -19.53
C GLU A 5 -27.87 34.03 -20.82
N LEU A 6 -27.98 32.71 -21.09
CA LEU A 6 -27.42 32.12 -22.30
C LEU A 6 -28.29 32.45 -23.49
N THR A 7 -27.67 33.02 -24.53
CA THR A 7 -28.36 33.34 -25.76
C THR A 7 -28.59 32.05 -26.59
N PRO A 8 -29.39 32.19 -27.67
CA PRO A 8 -29.67 31.05 -28.58
C PRO A 8 -28.42 30.44 -29.20
N ASP A 9 -27.50 31.29 -29.68
CA ASP A 9 -26.23 30.83 -30.24
C ASP A 9 -25.40 30.09 -29.17
N GLN A 10 -25.41 30.61 -27.93
CA GLN A 10 -24.68 30.00 -26.82
C GLN A 10 -25.27 28.66 -26.37
N GLN A 11 -26.61 28.57 -26.34
CA GLN A 11 -27.29 27.32 -26.02
C GLN A 11 -26.96 26.25 -27.07
N THR A 12 -26.87 26.63 -28.37
CA THR A 12 -26.52 25.70 -29.44
C THR A 12 -25.08 25.20 -29.26
N LEU A 13 -24.15 26.13 -29.01
CA LEU A 13 -22.75 25.81 -28.78
C LEU A 13 -22.60 24.82 -27.63
N LEU A 14 -23.20 25.15 -26.48
CA LEU A 14 -23.10 24.32 -25.30
C LEU A 14 -23.61 22.90 -25.54
N HIS A 15 -24.83 22.76 -26.09
CA HIS A 15 -25.38 21.44 -26.35
C HIS A 15 -24.56 20.66 -27.36
N PHE A 16 -24.02 21.35 -28.35
CA PHE A 16 -23.16 20.72 -29.33
C PHE A 16 -21.84 20.23 -28.70
N ILE A 17 -21.27 21.03 -27.77
CA ILE A 17 -20.05 20.65 -27.04
C ILE A 17 -20.34 19.46 -26.16
N MET A 18 -21.49 19.50 -25.46
CA MET A 18 -21.93 18.41 -24.59
C MET A 18 -22.12 17.10 -25.32
N ASP A 19 -22.75 17.14 -26.52
CA ASP A 19 -22.96 15.96 -27.35
C ASP A 19 -21.65 15.26 -27.68
N SER A 20 -20.66 16.04 -28.14
CA SER A 20 -19.33 15.53 -28.52
C SER A 20 -18.54 15.08 -27.31
N TYR A 21 -18.67 15.79 -26.17
CA TYR A 21 -17.94 15.42 -24.96
C TYR A 21 -18.44 14.06 -24.46
N ASN A 22 -19.75 13.81 -24.68
CA ASN A 22 -20.43 12.58 -24.29
C ASN A 22 -20.04 11.33 -25.06
N LYS A 23 -19.21 11.46 -26.09
CA LYS A 23 -18.75 10.29 -26.87
C LYS A 23 -17.58 9.61 -26.16
N GLN A 24 -17.36 9.94 -24.90
CA GLN A 24 -16.25 9.40 -24.14
C GLN A 24 -16.57 8.14 -23.42
N ARG A 25 -15.50 7.36 -23.15
CA ARG A 25 -15.55 6.14 -22.36
C ARG A 25 -16.24 6.53 -21.07
N MET A 26 -17.34 5.87 -20.74
CA MET A 26 -18.06 6.20 -19.53
C MET A 26 -17.17 6.04 -18.29
N PRO A 27 -17.21 7.05 -17.41
CA PRO A 27 -16.43 7.02 -16.16
C PRO A 27 -16.44 5.73 -15.34
N GLN A 28 -17.65 5.24 -14.97
CA GLN A 28 -17.85 4.02 -14.18
C GLN A 28 -16.98 2.84 -14.64
N GLU A 29 -16.85 2.61 -15.95
CA GLU A 29 -16.05 1.51 -16.49
C GLU A 29 -14.60 1.53 -15.98
N ILE A 30 -13.98 2.72 -15.98
CA ILE A 30 -12.60 2.92 -15.55
C ILE A 30 -12.45 2.68 -14.04
N THR A 31 -13.33 3.28 -13.22
CA THR A 31 -13.28 3.15 -11.76
C THR A 31 -13.73 1.81 -11.24
N ASN A 32 -14.70 1.16 -11.92
CA ASN A 32 -15.19 -0.17 -11.53
C ASN A 32 -14.05 -1.13 -11.61
N LYS A 33 -13.27 -1.02 -12.69
CA LYS A 33 -12.13 -1.87 -12.94
C LYS A 33 -10.99 -1.68 -11.96
N ILE A 34 -10.65 -0.40 -11.63
CA ILE A 34 -9.58 -0.08 -10.69
C ILE A 34 -9.96 -0.60 -9.30
N LEU A 35 -11.24 -0.42 -8.91
CA LEU A 35 -11.72 -0.84 -7.61
C LEU A 35 -11.93 -2.36 -7.53
N LYS A 36 -12.28 -3.02 -8.64
CA LYS A 36 -12.54 -4.47 -8.67
C LYS A 36 -11.45 -5.30 -7.98
N GLU A 37 -10.19 -5.06 -8.34
CA GLU A 37 -9.06 -5.78 -7.77
C GLU A 37 -7.77 -4.99 -7.90
N ALA A 38 -6.75 -5.37 -7.14
CA ALA A 38 -5.46 -4.72 -7.25
C ALA A 38 -4.64 -5.38 -8.36
N PHE A 39 -3.96 -4.54 -9.15
CA PHE A 39 -3.12 -5.06 -10.22
C PHE A 39 -1.68 -4.74 -9.90
N SER A 40 -0.75 -5.40 -10.58
CA SER A 40 0.67 -5.16 -10.44
C SER A 40 1.04 -3.85 -11.16
N ALA A 41 2.18 -3.26 -10.82
CA ALA A 41 2.65 -2.05 -11.50
C ALA A 41 2.72 -2.26 -13.03
N GLU A 42 3.03 -3.52 -13.47
CA GLU A 42 3.12 -3.89 -14.88
C GLU A 42 1.75 -3.91 -15.57
N GLU A 43 0.74 -4.51 -14.91
CA GLU A 43 -0.61 -4.56 -15.44
C GLU A 43 -1.19 -3.15 -15.53
N ASN A 44 -0.84 -2.27 -14.56
CA ASN A 44 -1.32 -0.88 -14.50
C ASN A 44 -0.71 0.00 -15.57
N PHE A 45 0.58 -0.24 -15.91
CA PHE A 45 1.24 0.53 -16.95
C PHE A 45 0.56 0.22 -18.27
N LEU A 46 0.16 -1.04 -18.47
CA LEU A 46 -0.55 -1.45 -19.68
C LEU A 46 -1.98 -0.90 -19.71
N ILE A 47 -2.65 -0.82 -18.55
CA ILE A 47 -4.00 -0.26 -18.48
C ILE A 47 -3.85 1.24 -18.87
N LEU A 48 -2.83 1.90 -18.33
CA LEU A 48 -2.58 3.31 -18.65
C LEU A 48 -2.31 3.56 -20.14
N THR A 49 -1.45 2.74 -20.78
CA THR A 49 -1.18 2.98 -22.20
C THR A 49 -2.41 2.75 -23.08
N GLU A 50 -3.23 1.72 -22.77
CA GLU A 50 -4.46 1.44 -23.51
C GLU A 50 -5.47 2.58 -23.34
N MET A 51 -5.70 3.01 -22.09
CA MET A 51 -6.61 4.10 -21.78
C MET A 51 -6.18 5.39 -22.44
N ALA A 52 -4.86 5.69 -22.41
CA ALA A 52 -4.31 6.94 -22.94
C ALA A 52 -4.34 6.97 -24.46
N THR A 53 -4.16 5.81 -25.12
CA THR A 53 -4.25 5.71 -26.58
C THR A 53 -5.69 5.94 -27.03
N ASN A 54 -6.68 5.32 -26.33
CA ASN A 54 -8.07 5.53 -26.69
C ASN A 54 -8.46 7.01 -26.47
N HIS A 55 -7.99 7.60 -25.36
CA HIS A 55 -8.24 9.00 -25.03
C HIS A 55 -7.69 9.93 -26.12
N VAL A 56 -6.50 9.67 -26.66
CA VAL A 56 -5.97 10.55 -27.72
C VAL A 56 -6.87 10.47 -28.94
N GLN A 57 -7.30 9.26 -29.27
CA GLN A 57 -8.16 9.09 -30.42
C GLN A 57 -9.47 9.85 -30.24
N VAL A 58 -10.09 9.78 -29.07
CA VAL A 58 -11.35 10.47 -28.77
C VAL A 58 -11.14 11.99 -28.76
N LEU A 59 -9.99 12.43 -28.23
CA LEU A 59 -9.66 13.85 -28.19
C LEU A 59 -9.55 14.43 -29.59
N VAL A 60 -8.90 13.71 -30.55
CA VAL A 60 -8.80 14.20 -31.94
C VAL A 60 -10.24 14.40 -32.50
N GLU A 61 -11.14 13.43 -32.32
CA GLU A 61 -12.53 13.52 -32.81
C GLU A 61 -13.28 14.68 -32.17
N PHE A 62 -13.15 14.85 -30.83
CA PHE A 62 -13.72 15.98 -30.09
C PHE A 62 -13.19 17.30 -30.65
N THR A 63 -11.89 17.39 -30.83
CA THR A 63 -11.20 18.59 -31.34
C THR A 63 -11.66 18.94 -32.75
N LYS A 64 -11.79 17.94 -33.64
CA LYS A 64 -12.24 18.15 -35.02
C LYS A 64 -13.63 18.76 -35.10
N LYS A 65 -14.46 18.58 -34.07
CA LYS A 65 -15.80 19.13 -33.99
C LYS A 65 -15.85 20.54 -33.40
N LEU A 66 -14.78 21.02 -32.77
CA LEU A 66 -14.83 22.36 -32.20
C LEU A 66 -15.04 23.39 -33.31
N PRO A 67 -16.13 24.22 -33.26
CA PRO A 67 -16.37 25.20 -34.34
C PRO A 67 -15.14 25.97 -34.78
N GLY A 68 -14.82 25.86 -36.07
CA GLY A 68 -13.68 26.58 -36.61
C GLY A 68 -12.35 25.85 -36.57
N PHE A 69 -12.17 24.82 -35.72
CA PHE A 69 -10.88 24.11 -35.68
C PHE A 69 -10.39 23.65 -37.09
N GLN A 70 -11.31 23.13 -37.90
CA GLN A 70 -11.01 22.65 -39.26
C GLN A 70 -10.44 23.73 -40.18
N THR A 71 -10.88 24.99 -40.00
CA THR A 71 -10.43 26.14 -40.81
C THR A 71 -9.02 26.62 -40.47
N LEU A 72 -8.47 26.17 -39.33
CA LEU A 72 -7.13 26.58 -38.93
C LEU A 72 -6.10 25.97 -39.84
N ASP A 73 -4.95 26.65 -39.95
CA ASP A 73 -3.80 26.17 -40.68
C ASP A 73 -3.47 24.79 -40.10
N HIS A 74 -3.27 23.79 -40.98
CA HIS A 74 -2.94 22.40 -40.60
C HIS A 74 -1.83 22.23 -39.59
N GLU A 75 -0.73 22.97 -39.73
CA GLU A 75 0.40 22.86 -38.80
C GLU A 75 0.04 23.35 -37.43
N ASP A 76 -0.77 24.42 -37.37
CA ASP A 76 -1.26 24.96 -36.12
C ASP A 76 -2.20 23.95 -35.47
N GLN A 77 -3.05 23.27 -36.27
CA GLN A 77 -3.96 22.22 -35.79
C GLN A 77 -3.17 21.14 -35.07
N ILE A 78 -2.02 20.74 -35.64
CA ILE A 78 -1.16 19.75 -34.99
C ILE A 78 -0.60 20.28 -33.67
N ALA A 79 -0.03 21.52 -33.68
CA ALA A 79 0.55 22.15 -32.50
C ALA A 79 -0.45 22.26 -31.34
N LEU A 80 -1.75 22.51 -31.65
CA LEU A 80 -2.80 22.60 -30.65
C LEU A 80 -3.07 21.23 -29.98
N LEU A 81 -3.24 20.18 -30.80
CA LEU A 81 -3.52 18.82 -30.33
C LEU A 81 -2.37 18.31 -29.48
N LYS A 82 -1.16 18.42 -30.02
CA LYS A 82 0.09 18.02 -29.39
C LYS A 82 0.32 18.81 -28.09
N GLY A 83 0.02 20.10 -28.08
CA GLY A 83 0.23 20.92 -26.89
C GLY A 83 -0.78 20.70 -25.77
N SER A 84 -1.96 20.15 -26.11
CA SER A 84 -3.04 19.99 -25.12
C SER A 84 -3.32 18.57 -24.67
N ALA A 85 -2.83 17.55 -25.42
CA ALA A 85 -3.17 16.15 -25.11
C ALA A 85 -2.90 15.65 -23.70
N VAL A 86 -1.73 15.96 -23.13
CA VAL A 86 -1.34 15.58 -21.74
C VAL A 86 -2.26 16.28 -20.73
N GLU A 87 -2.46 17.59 -20.89
CA GLU A 87 -3.35 18.34 -19.99
C GLU A 87 -4.79 17.79 -20.00
N ALA A 88 -5.34 17.50 -21.20
CA ALA A 88 -6.72 17.03 -21.37
C ALA A 88 -6.90 15.71 -20.66
N MET A 89 -5.91 14.83 -20.83
CA MET A 89 -5.87 13.56 -20.16
C MET A 89 -5.91 13.71 -18.61
N PHE A 90 -5.07 14.57 -18.02
CA PHE A 90 -5.10 14.82 -16.59
C PHE A 90 -6.39 15.49 -16.15
N LEU A 91 -6.95 16.40 -16.96
CA LEU A 91 -8.22 17.05 -16.59
C LEU A 91 -9.39 16.02 -16.57
N ARG A 92 -9.40 15.12 -17.57
CA ARG A 92 -10.33 14.02 -17.64
C ARG A 92 -10.12 13.04 -16.45
N SER A 93 -8.87 12.73 -16.09
CA SER A 93 -8.58 11.87 -14.93
C SER A 93 -9.08 12.59 -13.66
N ALA A 94 -8.90 13.93 -13.59
CA ALA A 94 -9.38 14.73 -12.45
C ALA A 94 -10.89 14.63 -12.33
N GLU A 95 -11.60 14.72 -13.47
CA GLU A 95 -13.06 14.62 -13.52
C GLU A 95 -13.54 13.32 -12.91
N ILE A 96 -12.99 12.20 -13.39
CA ILE A 96 -13.35 10.86 -12.92
C ILE A 96 -13.02 10.68 -11.43
N PHE A 97 -11.85 11.16 -11.00
CA PHE A 97 -11.42 11.04 -9.60
C PHE A 97 -12.41 11.66 -8.61
N ASN A 98 -13.00 12.82 -8.97
CA ASN A 98 -13.93 13.50 -8.08
C ASN A 98 -15.41 13.14 -8.26
N LYS A 99 -15.74 12.14 -9.09
CA LYS A 99 -17.12 11.69 -9.27
C LYS A 99 -17.56 10.96 -8.00
N LYS A 100 -18.76 11.30 -7.48
CA LYS A 100 -19.29 10.70 -6.26
C LYS A 100 -19.37 9.18 -6.38
N LEU A 101 -18.87 8.50 -5.36
CA LEU A 101 -18.86 7.06 -5.29
C LEU A 101 -19.46 6.57 -3.98
N PRO A 102 -19.85 5.26 -3.89
CA PRO A 102 -20.29 4.72 -2.59
C PRO A 102 -19.24 4.99 -1.48
N SER A 103 -19.69 5.03 -0.21
CA SER A 103 -18.83 5.28 0.94
C SER A 103 -17.53 4.46 0.94
N GLY A 104 -16.42 5.14 1.16
CA GLY A 104 -15.08 4.54 1.20
C GLY A 104 -14.48 4.17 -0.14
N HIS A 105 -15.30 4.15 -1.23
CA HIS A 105 -14.84 3.78 -2.57
C HIS A 105 -13.80 4.74 -3.13
N SER A 106 -13.96 6.05 -2.88
CA SER A 106 -13.00 7.05 -3.34
C SER A 106 -11.70 6.94 -2.57
N ASP A 107 -11.77 6.48 -1.30
CA ASP A 107 -10.57 6.23 -0.49
C ASP A 107 -9.81 5.07 -1.13
N LEU A 108 -10.55 4.05 -1.56
CA LEU A 108 -9.95 2.88 -2.19
C LEU A 108 -9.41 3.24 -3.57
N LEU A 109 -10.14 4.08 -4.30
CA LEU A 109 -9.69 4.48 -5.62
C LEU A 109 -8.36 5.22 -5.51
N GLU A 110 -8.27 6.15 -4.58
CA GLU A 110 -7.06 6.90 -4.35
C GLU A 110 -5.90 5.98 -3.92
N ALA A 111 -6.17 4.99 -3.03
CA ALA A 111 -5.17 4.02 -2.56
C ALA A 111 -4.59 3.19 -3.71
N ARG A 112 -5.47 2.71 -4.59
CA ARG A 112 -5.09 1.92 -5.76
C ARG A 112 -4.19 2.69 -6.71
N ILE A 113 -4.55 3.95 -7.01
CA ILE A 113 -3.79 4.82 -7.91
C ILE A 113 -2.42 5.14 -7.33
N ARG A 114 -2.38 5.50 -6.02
CA ARG A 114 -1.18 5.82 -5.25
C ARG A 114 -0.20 4.64 -5.31
N ASN A 115 -0.74 3.42 -5.39
CA ASN A 115 0.08 2.21 -5.42
C ASN A 115 0.14 1.55 -6.81
N SER A 116 -0.21 2.27 -7.89
CA SER A 116 -0.26 1.76 -9.27
C SER A 116 1.10 1.52 -9.93
N GLY A 117 2.13 2.20 -9.47
CA GLY A 117 3.45 2.05 -10.05
C GLY A 117 4.15 3.37 -10.27
N ILE A 118 3.38 4.46 -10.33
CA ILE A 118 3.96 5.79 -10.46
C ILE A 118 4.92 6.05 -9.26
N SER A 119 6.01 6.77 -9.51
CA SER A 119 6.99 7.12 -8.49
C SER A 119 6.36 8.06 -7.50
N ASP A 120 6.71 7.92 -6.23
CA ASP A 120 6.16 8.80 -5.17
C ASP A 120 6.44 10.28 -5.42
N GLU A 121 7.53 10.59 -6.15
CA GLU A 121 7.89 11.94 -6.56
C GLU A 121 6.72 12.66 -7.26
N TYR A 122 5.93 11.91 -8.04
CA TYR A 122 4.83 12.45 -8.83
C TYR A 122 3.44 12.29 -8.26
N ILE A 123 3.32 11.47 -7.21
CA ILE A 123 2.05 11.19 -6.55
C ILE A 123 1.44 12.44 -5.94
N THR A 124 2.22 13.16 -5.13
CA THR A 124 1.77 14.36 -4.44
C THR A 124 1.29 15.46 -5.40
N PRO A 125 2.13 15.88 -6.39
CA PRO A 125 1.66 16.90 -7.35
C PRO A 125 0.33 16.49 -8.03
N MET A 126 0.19 15.19 -8.37
CA MET A 126 -1.02 14.68 -9.03
C MET A 126 -2.29 14.76 -8.16
N PHE A 127 -2.23 14.21 -6.92
CA PHE A 127 -3.38 14.28 -6.04
C PHE A 127 -3.63 15.70 -5.57
N SER A 128 -2.57 16.53 -5.49
CA SER A 128 -2.72 17.95 -5.15
C SER A 128 -3.59 18.60 -6.26
N PHE A 129 -3.28 18.33 -7.55
CA PHE A 129 -4.11 18.87 -8.62
C PHE A 129 -5.54 18.31 -8.60
N TYR A 130 -5.74 16.98 -8.46
CA TYR A 130 -7.09 16.41 -8.45
C TYR A 130 -7.90 16.95 -7.30
N LYS A 131 -7.24 17.20 -6.16
CA LYS A 131 -7.93 17.77 -4.99
C LYS A 131 -8.35 19.19 -5.25
N SER A 132 -7.46 20.02 -5.82
CA SER A 132 -7.76 21.40 -6.16
C SER A 132 -8.92 21.45 -7.13
N ILE A 133 -9.02 20.44 -8.03
CA ILE A 133 -10.15 20.33 -8.97
C ILE A 133 -11.43 20.02 -8.23
N GLY A 134 -11.41 19.00 -7.37
CA GLY A 134 -12.60 18.62 -6.62
C GLY A 134 -13.18 19.74 -5.78
N GLU A 135 -12.34 20.69 -5.31
CA GLU A 135 -12.81 21.82 -4.49
C GLU A 135 -13.73 22.73 -5.28
N LEU A 136 -13.54 22.80 -6.61
CA LEU A 136 -14.34 23.63 -7.51
C LEU A 136 -15.75 23.13 -7.80
N LYS A 137 -16.06 21.86 -7.46
CA LYS A 137 -17.38 21.23 -7.69
C LYS A 137 -17.96 21.51 -9.07
N MET A 138 -17.17 21.20 -10.08
CA MET A 138 -17.51 21.41 -11.47
C MET A 138 -18.61 20.50 -11.97
N THR A 139 -19.50 21.05 -12.83
CA THR A 139 -20.55 20.27 -13.48
C THR A 139 -19.95 19.66 -14.73
N GLN A 140 -20.69 18.71 -15.38
CA GLN A 140 -20.27 18.09 -16.65
C GLN A 140 -20.04 19.11 -17.77
N GLU A 141 -20.89 20.16 -17.80
CA GLU A 141 -20.82 21.22 -18.79
C GLU A 141 -19.52 22.01 -18.56
N GLU A 142 -19.11 22.20 -17.29
CA GLU A 142 -17.86 22.90 -16.98
C GLU A 142 -16.61 22.13 -17.43
N TYR A 143 -16.56 20.82 -17.17
CA TYR A 143 -15.46 19.97 -17.63
C TYR A 143 -15.38 20.00 -19.17
N ALA A 144 -16.55 19.94 -19.86
CA ALA A 144 -16.63 19.93 -21.32
C ALA A 144 -16.07 21.24 -21.92
N LEU A 145 -16.54 22.36 -21.40
CA LEU A 145 -16.07 23.69 -21.83
C LEU A 145 -14.59 23.91 -21.53
N LEU A 146 -14.14 23.57 -20.30
CA LEU A 146 -12.75 23.73 -19.88
C LEU A 146 -11.82 22.93 -20.78
N THR A 147 -12.23 21.70 -21.16
CA THR A 147 -11.46 20.85 -22.10
C THR A 147 -11.25 21.58 -23.46
N ALA A 148 -12.32 22.14 -24.03
CA ALA A 148 -12.28 22.86 -25.30
C ALA A 148 -11.42 24.13 -25.19
N ILE A 149 -11.47 24.81 -24.05
CA ILE A 149 -10.67 26.01 -23.76
C ILE A 149 -9.18 25.65 -23.72
N VAL A 150 -8.85 24.52 -23.08
CA VAL A 150 -7.50 23.96 -22.98
C VAL A 150 -6.93 23.64 -24.39
N ILE A 151 -7.73 22.96 -25.23
CA ILE A 151 -7.35 22.59 -26.59
C ILE A 151 -7.10 23.86 -27.45
N LEU A 152 -8.00 24.82 -27.34
CA LEU A 152 -7.92 26.06 -28.11
C LEU A 152 -7.08 27.14 -27.41
N SER A 153 -5.96 26.74 -26.83
CA SER A 153 -5.08 27.68 -26.15
C SER A 153 -4.24 28.39 -27.19
N PRO A 154 -4.44 29.71 -27.43
CA PRO A 154 -3.65 30.39 -28.47
C PRO A 154 -2.18 30.66 -28.14
N ASP A 155 -1.73 30.39 -26.91
CA ASP A 155 -0.32 30.63 -26.57
C ASP A 155 0.54 29.37 -26.55
N ARG A 156 0.05 28.32 -27.22
CA ARG A 156 0.76 27.05 -27.35
C ARG A 156 2.05 27.27 -28.16
N GLN A 157 3.02 26.36 -28.01
CA GLN A 157 4.28 26.50 -28.70
C GLN A 157 4.16 26.11 -30.15
N TYR A 158 4.76 26.93 -31.03
CA TYR A 158 4.80 26.71 -32.48
C TYR A 158 3.47 27.01 -33.13
N ILE A 159 2.64 27.80 -32.42
CA ILE A 159 1.41 28.27 -33.01
C ILE A 159 1.88 29.46 -33.80
N LYS A 160 1.58 29.45 -35.09
CA LYS A 160 2.01 30.54 -35.95
C LYS A 160 1.00 31.67 -35.92
N ASP A 161 -0.30 31.34 -36.10
CA ASP A 161 -1.37 32.32 -36.11
C ASP A 161 -2.20 32.28 -34.81
N ARG A 162 -1.76 33.03 -33.81
CA ARG A 162 -2.41 33.07 -32.52
C ARG A 162 -3.77 33.72 -32.50
N GLU A 163 -4.00 34.74 -33.35
CA GLU A 163 -5.27 35.44 -33.36
C GLU A 163 -6.41 34.56 -33.84
N ALA A 164 -6.15 33.70 -34.83
CA ALA A 164 -7.18 32.81 -35.34
C ALA A 164 -7.67 31.88 -34.21
N VAL A 165 -6.76 31.45 -33.35
CA VAL A 165 -7.05 30.56 -32.23
C VAL A 165 -7.79 31.34 -31.14
N GLU A 166 -7.38 32.60 -30.89
CA GLU A 166 -8.06 33.42 -29.90
C GLU A 166 -9.53 33.59 -30.28
N LYS A 167 -9.81 33.81 -31.58
CA LYS A 167 -11.18 33.97 -32.08
C LYS A 167 -12.05 32.75 -31.80
N LEU A 168 -11.46 31.56 -31.84
CA LEU A 168 -12.15 30.30 -31.60
C LEU A 168 -12.33 29.99 -30.13
N GLN A 169 -11.35 30.37 -29.31
CA GLN A 169 -11.40 30.15 -27.85
C GLN A 169 -12.38 31.09 -27.15
N GLU A 170 -12.44 32.38 -27.56
CA GLU A 170 -13.31 33.40 -26.92
C GLU A 170 -14.81 33.04 -26.73
N PRO A 171 -15.54 32.53 -27.75
CA PRO A 171 -16.94 32.09 -27.54
C PRO A 171 -17.11 31.03 -26.45
N LEU A 172 -16.08 30.17 -26.27
CA LEU A 172 -16.14 29.12 -25.26
C LEU A 172 -15.97 29.71 -23.87
N LEU A 173 -15.02 30.62 -23.71
CA LEU A 173 -14.81 31.35 -22.45
C LEU A 173 -16.09 32.12 -22.05
N ASP A 174 -16.72 32.76 -23.03
CA ASP A 174 -17.97 33.52 -22.87
C ASP A 174 -19.08 32.68 -22.30
N VAL A 175 -19.33 31.51 -22.89
CA VAL A 175 -20.36 30.57 -22.44
C VAL A 175 -20.03 30.05 -21.04
N LEU A 176 -18.77 29.66 -20.82
CA LEU A 176 -18.30 29.18 -19.53
C LEU A 176 -18.56 30.24 -18.44
N GLN A 177 -18.15 31.49 -18.72
CA GLN A 177 -18.31 32.59 -17.77
C GLN A 177 -19.75 32.82 -17.39
N LYS A 178 -20.67 32.79 -18.36
CA LYS A 178 -22.10 32.97 -18.11
C LYS A 178 -22.61 31.83 -17.23
N LEU A 179 -22.20 30.59 -17.51
CA LEU A 179 -22.59 29.44 -16.70
C LEU A 179 -22.13 29.59 -15.25
N CYS A 180 -20.89 30.08 -15.03
CA CYS A 180 -20.35 30.26 -13.66
C CYS A 180 -21.17 31.28 -12.89
N LYS A 181 -21.53 32.39 -13.57
CA LYS A 181 -22.30 33.49 -12.99
C LYS A 181 -23.72 33.05 -12.70
N ILE A 182 -24.02 31.78 -12.93
CA ILE A 182 -25.34 31.21 -12.71
C ILE A 182 -25.28 30.07 -11.74
N HIS A 183 -24.43 29.08 -12.03
CA HIS A 183 -24.32 27.89 -11.17
C HIS A 183 -23.73 28.20 -9.80
N GLN A 184 -23.16 29.40 -9.62
CA GLN A 184 -22.57 29.80 -8.34
C GLN A 184 -22.63 31.31 -8.19
N PRO A 185 -23.85 31.92 -8.20
CA PRO A 185 -23.95 33.39 -8.03
C PRO A 185 -23.35 33.77 -6.68
N GLU A 186 -23.29 32.75 -5.81
CA GLU A 186 -22.74 32.73 -4.47
C GLU A 186 -21.22 32.82 -4.47
N ASN A 187 -20.56 32.52 -5.62
CA ASN A 187 -19.11 32.60 -5.77
C ASN A 187 -18.74 33.31 -7.09
N PRO A 188 -18.67 34.65 -6.95
CA PRO A 188 -18.33 35.53 -8.09
C PRO A 188 -16.87 35.40 -8.51
N GLN A 189 -16.24 34.36 -7.99
CA GLN A 189 -14.85 34.08 -8.24
C GLN A 189 -14.71 32.79 -9.00
N HIS A 190 -15.76 31.93 -8.99
CA HIS A 190 -15.78 30.64 -9.65
C HIS A 190 -15.16 30.64 -11.03
N PHE A 191 -15.56 31.59 -11.91
CA PHE A 191 -14.99 31.66 -13.25
C PHE A 191 -13.47 31.79 -13.22
N ALA A 192 -12.95 32.80 -12.47
CA ALA A 192 -11.51 33.01 -12.35
C ALA A 192 -10.81 31.84 -11.66
N CYS A 193 -11.47 31.21 -10.66
CA CYS A 193 -10.92 30.04 -9.97
C CYS A 193 -10.69 28.91 -10.98
N LEU A 194 -11.69 28.65 -11.86
CA LEU A 194 -11.60 27.63 -12.92
C LEU A 194 -10.42 27.94 -13.83
N LEU A 195 -10.31 29.19 -14.27
CA LEU A 195 -9.20 29.61 -15.12
C LEU A 195 -7.83 29.46 -14.44
N GLY A 196 -7.77 29.72 -13.14
CA GLY A 196 -6.51 29.62 -12.41
C GLY A 196 -5.92 28.22 -12.40
N ARG A 197 -6.80 27.22 -12.37
CA ARG A 197 -6.45 25.78 -12.41
C ARG A 197 -5.72 25.38 -13.68
N LEU A 198 -5.95 26.11 -14.78
CA LEU A 198 -5.26 25.82 -16.04
C LEU A 198 -3.75 26.01 -15.93
N THR A 199 -3.32 26.91 -15.01
CA THR A 199 -1.91 27.12 -14.75
C THR A 199 -1.30 25.89 -14.10
N GLU A 200 -1.98 25.30 -13.09
CA GLU A 200 -1.46 24.10 -12.44
C GLU A 200 -1.45 22.93 -13.43
N LEU A 201 -2.49 22.83 -14.29
CA LEU A 201 -2.58 21.80 -15.32
C LEU A 201 -1.32 21.78 -16.20
N ARG A 202 -0.86 22.96 -16.61
CA ARG A 202 0.29 23.12 -17.48
C ARG A 202 1.59 22.53 -16.92
N THR A 203 1.73 22.49 -15.58
CA THR A 203 2.91 21.91 -14.92
C THR A 203 3.10 20.44 -15.24
N PHE A 204 2.02 19.73 -15.64
CA PHE A 204 2.08 18.30 -15.95
C PHE A 204 2.79 18.00 -17.25
N ASN A 205 2.97 19.00 -18.11
CA ASN A 205 3.68 18.85 -19.39
C ASN A 205 5.16 18.64 -19.17
N HIS A 206 5.71 19.44 -18.24
CA HIS A 206 7.11 19.52 -17.87
C HIS A 206 7.69 18.17 -17.56
N HIS A 207 7.03 17.41 -16.69
CA HIS A 207 7.59 16.13 -16.33
C HIS A 207 6.80 14.92 -16.69
N HIS A 208 5.85 15.01 -17.66
CA HIS A 208 5.06 13.83 -18.05
CA HIS A 208 5.07 13.86 -18.08
C HIS A 208 5.97 12.69 -18.49
N ALA A 209 6.96 12.97 -19.37
CA ALA A 209 7.88 11.95 -19.87
C ALA A 209 8.65 11.27 -18.73
N GLU A 210 9.13 12.05 -17.76
CA GLU A 210 9.85 11.60 -16.55
C GLU A 210 8.96 10.74 -15.72
N MET A 211 7.71 11.18 -15.54
CA MET A 211 6.67 10.52 -14.75
C MET A 211 6.36 9.14 -15.31
N LEU A 212 6.34 9.03 -16.64
CA LEU A 212 6.06 7.79 -17.35
C LEU A 212 7.26 6.86 -17.32
N MET A 213 8.46 7.39 -17.61
CA MET A 213 9.69 6.59 -17.64
C MET A 213 10.06 6.11 -16.22
N SER A 214 9.59 6.84 -15.19
CA SER A 214 9.83 6.47 -13.80
C SER A 214 8.87 5.41 -13.26
N TRP A 215 7.83 5.03 -14.02
CA TRP A 215 6.91 3.99 -13.56
C TRP A 215 7.72 2.75 -13.15
N ARG A 216 7.28 2.07 -12.10
CA ARG A 216 8.02 0.96 -11.51
C ARG A 216 7.85 -0.32 -12.27
N VAL A 217 8.31 -0.30 -13.51
CA VAL A 217 8.28 -1.45 -14.40
C VAL A 217 9.66 -1.55 -15.01
N ASN A 218 10.02 -2.74 -15.50
CA ASN A 218 11.33 -2.98 -16.10
C ASN A 218 11.41 -2.59 -17.55
N ASP A 219 10.26 -2.50 -18.21
CA ASP A 219 10.19 -2.06 -19.60
C ASP A 219 9.05 -1.06 -19.77
N HIS A 220 9.31 -0.02 -20.54
CA HIS A 220 8.35 1.04 -20.76
C HIS A 220 7.98 1.06 -22.24
N LYS A 221 6.97 0.26 -22.59
CA LYS A 221 6.52 0.16 -23.96
C LYS A 221 5.32 1.06 -24.18
N PHE A 222 5.38 1.95 -25.18
CA PHE A 222 4.27 2.85 -25.54
C PHE A 222 3.72 2.40 -26.89
N THR A 223 2.69 3.05 -27.38
CA THR A 223 2.13 2.73 -28.68
C THR A 223 2.67 3.78 -29.65
N PRO A 224 2.67 3.51 -30.99
CA PRO A 224 3.10 4.52 -31.96
C PRO A 224 2.43 5.90 -31.80
N LEU A 225 1.11 5.93 -31.56
CA LEU A 225 0.37 7.17 -31.36
C LEU A 225 0.85 7.91 -30.08
N LEU A 226 1.01 7.16 -28.96
CA LEU A 226 1.48 7.74 -27.70
C LEU A 226 2.90 8.29 -27.85
N CYS A 227 3.74 7.59 -28.62
CA CYS A 227 5.09 8.10 -28.89
C CYS A 227 5.04 9.43 -29.61
N GLU A 228 4.04 9.67 -30.49
CA GLU A 228 3.97 10.94 -31.22
C GLU A 228 3.57 12.04 -30.33
N ILE A 229 2.57 11.78 -29.52
CA ILE A 229 1.97 12.75 -28.66
C ILE A 229 2.71 12.97 -27.34
N TRP A 230 3.36 11.93 -26.79
CA TRP A 230 4.06 12.05 -25.50
C TRP A 230 5.54 12.31 -25.54
N ASP A 231 6.21 12.11 -26.66
CA ASP A 231 7.65 12.35 -26.68
C ASP A 231 8.38 11.36 -25.75
N VAL A 232 8.13 10.10 -26.01
CA VAL A 232 8.75 8.97 -25.35
C VAL A 232 9.14 8.05 -26.49
N GLN A 233 10.04 7.08 -26.21
CA GLN A 233 10.61 6.12 -27.16
C GLN A 233 11.31 6.79 -28.34
N ASP B 2 7.51 13.67 -36.27
CA ASP B 2 6.85 13.68 -37.57
C ASP B 2 5.35 13.89 -37.47
N HIS B 3 4.70 13.29 -36.44
CA HIS B 3 3.26 13.42 -36.23
C HIS B 3 2.43 12.85 -37.38
N GLN B 4 2.99 11.85 -38.08
CA GLN B 4 2.35 11.14 -39.19
C GLN B 4 0.96 10.62 -38.78
N LEU B 5 0.88 9.95 -37.62
CA LEU B 5 -0.38 9.39 -37.13
C LEU B 5 -1.39 10.44 -36.81
N LEU B 6 -0.95 11.49 -36.12
CA LEU B 6 -1.79 12.62 -35.72
C LEU B 6 -2.33 13.36 -36.93
N ARG B 7 -1.45 13.61 -37.93
CA ARG B 7 -1.81 14.28 -39.19
C ARG B 7 -2.83 13.40 -39.90
N TYR B 8 -2.61 12.06 -39.86
CA TYR B 8 -3.55 11.13 -40.46
C TYR B 8 -4.94 11.24 -39.83
N LEU B 9 -5.02 11.10 -38.48
CA LEU B 9 -6.29 11.23 -37.74
C LEU B 9 -6.98 12.58 -37.97
N LEU B 10 -6.21 13.66 -38.09
CA LEU B 10 -6.77 14.99 -38.33
C LEU B 10 -7.34 15.18 -39.73
N ASP B 11 -6.74 14.54 -40.75
CA ASP B 11 -7.19 14.66 -42.13
C ASP B 11 -8.16 13.57 -42.50
N LYS B 12 -7.74 12.29 -42.36
CA LYS B 12 -8.57 11.11 -42.64
C LYS B 12 -9.30 11.26 -43.99
N MET C 4 7.32 1.93 0.72
CA MET C 4 8.44 1.86 -0.20
C MET C 4 8.99 0.45 -0.33
N GLU C 5 9.65 0.14 -1.45
CA GLU C 5 10.23 -1.18 -1.63
C GLU C 5 11.49 -1.36 -0.81
N LEU C 6 11.88 -2.61 -0.63
CA LEU C 6 13.09 -2.99 0.09
C LEU C 6 14.32 -2.60 -0.71
N THR C 7 15.36 -2.18 -0.01
CA THR C 7 16.62 -1.86 -0.64
C THR C 7 17.36 -3.19 -0.83
N PRO C 8 18.36 -3.25 -1.76
CA PRO C 8 19.18 -4.47 -1.87
C PRO C 8 19.75 -4.91 -0.49
N ASP C 9 20.21 -3.97 0.33
CA ASP C 9 20.77 -4.31 1.65
C ASP C 9 19.70 -4.90 2.61
N GLN C 10 18.48 -4.35 2.58
CA GLN C 10 17.37 -4.81 3.44
C GLN C 10 16.94 -6.21 3.08
N GLN C 11 16.88 -6.47 1.76
CA GLN C 11 16.60 -7.74 1.12
C GLN C 11 17.66 -8.77 1.60
N THR C 12 18.94 -8.35 1.70
CA THR C 12 20.02 -9.22 2.19
C THR C 12 19.76 -9.56 3.66
N LEU C 13 19.50 -8.53 4.49
CA LEU C 13 19.23 -8.69 5.92
C LEU C 13 18.01 -9.60 6.14
N LEU C 14 16.94 -9.38 5.38
CA LEU C 14 15.75 -10.20 5.44
C LEU C 14 16.07 -11.68 5.23
N HIS C 15 16.78 -12.01 4.12
CA HIS C 15 17.13 -13.40 3.82
C HIS C 15 17.96 -14.04 4.93
N PHE C 16 18.88 -13.28 5.52
CA PHE C 16 19.73 -13.71 6.61
C PHE C 16 18.86 -14.05 7.83
N ILE C 17 17.88 -13.18 8.15
CA ILE C 17 16.95 -13.41 9.28
C ILE C 17 16.14 -14.67 9.00
N MET C 18 15.62 -14.81 7.78
CA MET C 18 14.86 -15.99 7.38
C MET C 18 15.64 -17.29 7.51
N ASP C 19 16.89 -17.32 7.03
CA ASP C 19 17.74 -18.50 7.17
C ASP C 19 17.88 -18.90 8.65
N SER C 20 18.17 -17.94 9.54
CA SER C 20 18.29 -18.17 10.99
C SER C 20 17.00 -18.70 11.56
N TYR C 21 15.87 -18.07 11.17
CA TYR C 21 14.55 -18.44 11.64
C TYR C 21 14.14 -19.82 11.19
N ASN C 22 14.54 -20.20 9.99
CA ASN C 22 14.20 -21.49 9.42
C ASN C 22 14.88 -22.69 10.05
N LYS C 23 15.81 -22.45 10.99
CA LYS C 23 16.49 -23.53 11.70
C LYS C 23 15.58 -24.13 12.81
N GLN C 24 14.31 -23.77 12.80
CA GLN C 24 13.35 -24.18 13.80
C GLN C 24 12.81 -25.58 13.63
N ARG C 25 12.20 -26.11 14.71
CA ARG C 25 11.55 -27.40 14.72
C ARG C 25 10.43 -27.39 13.69
N MET C 26 10.19 -28.54 13.05
CA MET C 26 9.13 -28.67 12.08
C MET C 26 7.73 -28.54 12.74
N PRO C 27 6.98 -27.50 12.31
CA PRO C 27 5.60 -27.29 12.79
C PRO C 27 4.68 -28.52 12.81
N GLN C 28 4.80 -29.40 11.80
CA GLN C 28 4.04 -30.65 11.71
C GLN C 28 4.38 -31.53 12.91
N GLU C 29 5.68 -31.64 13.25
CA GLU C 29 6.19 -32.44 14.36
C GLU C 29 5.39 -32.32 15.65
N ILE C 30 4.95 -31.09 15.98
CA ILE C 30 4.14 -30.86 17.18
C ILE C 30 2.66 -31.12 16.90
N THR C 31 2.16 -30.62 15.77
CA THR C 31 0.73 -30.72 15.46
C THR C 31 0.33 -32.13 15.14
N ASN C 32 1.16 -32.83 14.36
CA ASN C 32 0.91 -34.23 14.02
C ASN C 32 0.76 -35.01 15.30
N LYS C 33 1.66 -34.76 16.27
CA LYS C 33 1.67 -35.39 17.58
C LYS C 33 0.42 -35.10 18.42
N ILE C 34 -0.08 -33.85 18.40
CA ILE C 34 -1.27 -33.47 19.18
C ILE C 34 -2.54 -34.07 18.55
N LEU C 35 -2.59 -34.12 17.22
CA LEU C 35 -3.76 -34.62 16.51
C LEU C 35 -3.82 -36.14 16.48
N LYS C 36 -2.69 -36.81 16.71
CA LYS C 36 -2.55 -38.25 16.64
C LYS C 36 -3.40 -38.94 17.71
N GLU C 37 -3.09 -38.66 18.96
CA GLU C 37 -3.76 -39.30 20.08
C GLU C 37 -3.89 -38.31 21.20
N ALA C 38 -5.00 -38.42 21.95
CA ALA C 38 -5.23 -37.58 23.11
C ALA C 38 -4.27 -38.05 24.19
N PHE C 39 -3.75 -37.10 24.95
CA PHE C 39 -2.82 -37.38 26.02
C PHE C 39 -3.42 -36.95 27.35
N SER C 40 -2.88 -37.48 28.45
CA SER C 40 -3.32 -37.07 29.78
C SER C 40 -2.69 -35.69 30.07
N ALA C 41 -3.14 -35.03 31.15
CA ALA C 41 -2.59 -33.73 31.54
C ALA C 41 -1.13 -33.87 31.96
N GLU C 42 -0.76 -35.00 32.59
CA GLU C 42 0.63 -35.27 33.00
C GLU C 42 1.53 -35.50 31.79
N GLU C 43 0.98 -36.12 30.73
CA GLU C 43 1.76 -36.39 29.51
C GLU C 43 1.94 -35.07 28.75
N ASN C 44 0.91 -34.23 28.76
CA ASN C 44 0.94 -32.93 28.09
C ASN C 44 1.88 -31.98 28.77
N PHE C 45 1.97 -32.02 30.12
CA PHE C 45 2.92 -31.17 30.83
C PHE C 45 4.36 -31.51 30.45
N LEU C 46 4.63 -32.78 30.14
CA LEU C 46 5.94 -33.25 29.72
C LEU C 46 6.26 -32.83 28.29
N ILE C 47 5.29 -32.94 27.38
CA ILE C 47 5.45 -32.50 26.00
C ILE C 47 5.78 -30.99 26.01
N LEU C 48 5.16 -30.24 26.95
CA LEU C 48 5.37 -28.81 27.09
C LEU C 48 6.77 -28.49 27.56
N THR C 49 7.21 -29.05 28.70
CA THR C 49 8.55 -28.75 29.18
C THR C 49 9.63 -29.16 28.16
N GLU C 50 9.39 -30.24 27.39
CA GLU C 50 10.29 -30.73 26.35
C GLU C 50 10.35 -29.79 25.14
N MET C 51 9.18 -29.42 24.60
CA MET C 51 9.05 -28.49 23.47
C MET C 51 9.57 -27.09 23.85
N ALA C 52 9.34 -26.67 25.11
CA ALA C 52 9.76 -25.36 25.62
C ALA C 52 11.27 -25.34 25.82
N THR C 53 11.84 -26.45 26.36
CA THR C 53 13.28 -26.54 26.57
C THR C 53 14.03 -26.49 25.22
N ASN C 54 13.56 -27.25 24.21
CA ASN C 54 14.19 -27.21 22.90
C ASN C 54 14.07 -25.81 22.27
N HIS C 55 12.89 -25.19 22.42
CA HIS C 55 12.61 -23.83 21.91
C HIS C 55 13.58 -22.80 22.49
N VAL C 56 13.92 -22.89 23.78
CA VAL C 56 14.89 -21.95 24.39
C VAL C 56 16.26 -22.09 23.68
N GLN C 57 16.67 -23.34 23.36
CA GLN C 57 17.97 -23.54 22.72
C GLN C 57 17.95 -22.90 21.34
N VAL C 58 16.85 -23.11 20.60
CA VAL C 58 16.68 -22.54 19.27
C VAL C 58 16.63 -21.01 19.34
N LEU C 59 15.92 -20.47 20.34
CA LEU C 59 15.80 -19.03 20.57
C LEU C 59 17.16 -18.38 20.79
N VAL C 60 17.99 -18.97 21.65
CA VAL C 60 19.32 -18.45 21.96
C VAL C 60 20.20 -18.44 20.70
N GLU C 61 20.13 -19.52 19.89
CA GLU C 61 20.87 -19.59 18.63
C GLU C 61 20.44 -18.50 17.68
N PHE C 62 19.11 -18.30 17.54
CA PHE C 62 18.53 -17.28 16.68
C PHE C 62 18.98 -15.89 17.13
N THR C 63 18.98 -15.65 18.45
CA THR C 63 19.30 -14.37 19.05
C THR C 63 20.74 -13.98 18.81
N LYS C 64 21.70 -14.92 19.04
CA LYS C 64 23.12 -14.68 18.80
C LYS C 64 23.38 -14.25 17.36
N LYS C 65 22.56 -14.68 16.41
CA LYS C 65 22.72 -14.33 15.00
C LYS C 65 22.11 -12.98 14.61
N LEU C 66 21.31 -12.35 15.51
CA LEU C 66 20.69 -11.05 15.24
C LEU C 66 21.82 -10.01 15.09
N PRO C 67 21.83 -9.22 14.00
CA PRO C 67 22.94 -8.27 13.79
C PRO C 67 23.26 -7.37 14.98
N GLY C 68 24.47 -7.51 15.50
CA GLY C 68 24.96 -6.71 16.62
C GLY C 68 24.69 -7.22 18.03
N PHE C 69 23.81 -8.24 18.21
CA PHE C 69 23.50 -8.75 19.55
C PHE C 69 24.75 -9.06 20.37
N GLN C 70 25.77 -9.67 19.75
CA GLN C 70 26.99 -10.06 20.47
C GLN C 70 27.93 -8.91 20.84
N THR C 71 27.66 -7.68 20.34
CA THR C 71 28.44 -6.50 20.69
C THR C 71 27.78 -5.89 21.93
N LEU C 72 26.70 -6.52 22.40
CA LEU C 72 25.97 -6.01 23.54
C LEU C 72 26.61 -6.45 24.82
N ASP C 73 26.43 -5.63 25.84
CA ASP C 73 26.86 -5.90 27.20
C ASP C 73 26.25 -7.26 27.60
N HIS C 74 27.05 -8.12 28.25
CA HIS C 74 26.66 -9.48 28.65
C HIS C 74 25.48 -9.56 29.57
N GLU C 75 25.41 -8.64 30.54
CA GLU C 75 24.30 -8.62 31.50
C GLU C 75 23.01 -8.31 30.76
N ASP C 76 23.07 -7.32 29.86
CA ASP C 76 21.94 -6.91 29.04
C ASP C 76 21.53 -8.05 28.12
N GLN C 77 22.49 -8.84 27.62
CA GLN C 77 22.17 -9.98 26.77
C GLN C 77 21.27 -10.97 27.50
N ILE C 78 21.53 -11.20 28.80
CA ILE C 78 20.72 -12.12 29.61
C ILE C 78 19.36 -11.51 29.91
N ALA C 79 19.34 -10.20 30.20
CA ALA C 79 18.07 -9.53 30.48
C ALA C 79 17.19 -9.57 29.23
N LEU C 80 17.79 -9.52 28.02
CA LEU C 80 17.01 -9.60 26.78
C LEU C 80 16.43 -10.97 26.56
N LEU C 81 17.22 -12.03 26.79
CA LEU C 81 16.77 -13.41 26.64
C LEU C 81 15.67 -13.74 27.61
N LYS C 82 15.90 -13.42 28.90
CA LYS C 82 14.92 -13.70 29.94
C LYS C 82 13.68 -12.85 29.76
N GLY C 83 13.85 -11.63 29.25
CA GLY C 83 12.72 -10.75 29.02
C GLY C 83 11.86 -11.19 27.86
N SER C 84 12.43 -11.92 26.88
CA SER C 84 11.69 -12.29 25.68
C SER C 84 11.23 -13.75 25.50
N ALA C 85 11.85 -14.71 26.21
CA ALA C 85 11.61 -16.15 26.06
C ALA C 85 10.18 -16.62 26.06
N VAL C 86 9.39 -16.25 27.08
CA VAL C 86 7.99 -16.66 27.17
C VAL C 86 7.19 -16.04 26.04
N GLU C 87 7.44 -14.77 25.75
CA GLU C 87 6.74 -14.10 24.67
C GLU C 87 7.05 -14.74 23.34
N ALA C 88 8.32 -15.10 23.08
CA ALA C 88 8.73 -15.72 21.82
C ALA C 88 8.04 -17.05 21.69
N MET C 89 7.90 -17.77 22.80
CA MET C 89 7.26 -19.06 22.73
C MET C 89 5.76 -19.02 22.46
N PHE C 90 5.04 -17.97 22.97
CA PHE C 90 3.63 -17.81 22.64
C PHE C 90 3.45 -17.32 21.22
N LEU C 91 4.39 -16.48 20.70
CA LEU C 91 4.28 -16.03 19.33
C LEU C 91 4.44 -17.21 18.38
N ARG C 92 5.43 -18.08 18.66
CA ARG C 92 5.71 -19.29 17.90
C ARG C 92 4.50 -20.25 17.98
N SER C 93 3.89 -20.39 19.18
CA SER C 93 2.69 -21.22 19.36
C SER C 93 1.56 -20.68 18.50
N ALA C 94 1.40 -19.33 18.46
CA ALA C 94 0.37 -18.72 17.62
C ALA C 94 0.63 -18.99 16.14
N GLU C 95 1.92 -18.98 15.73
CA GLU C 95 2.27 -19.23 14.33
C GLU C 95 1.80 -20.62 13.93
N ILE C 96 2.11 -21.61 14.78
CA ILE C 96 1.74 -23.00 14.56
C ILE C 96 0.24 -23.20 14.61
N PHE C 97 -0.44 -22.51 15.53
CA PHE C 97 -1.89 -22.56 15.67
C PHE C 97 -2.59 -22.10 14.39
N ASN C 98 -1.99 -21.15 13.66
CA ASN C 98 -2.61 -20.57 12.46
C ASN C 98 -2.20 -21.16 11.12
N LYS C 99 -1.24 -22.10 11.11
CA LYS C 99 -0.81 -22.76 9.88
C LYS C 99 -1.97 -23.55 9.28
N LYS C 100 -2.17 -23.44 7.96
CA LYS C 100 -3.24 -24.13 7.25
C LYS C 100 -3.18 -25.65 7.37
N LEU C 101 -4.29 -26.25 7.86
CA LEU C 101 -4.43 -27.69 8.03
C LEU C 101 -5.60 -28.26 7.24
N PRO C 102 -5.63 -29.61 7.03
CA PRO C 102 -6.76 -30.25 6.33
C PRO C 102 -8.10 -30.01 7.04
N SER C 103 -9.21 -30.10 6.29
CA SER C 103 -10.57 -29.87 6.78
C SER C 103 -10.87 -30.48 8.15
N GLY C 104 -11.21 -29.61 9.10
CA GLY C 104 -11.57 -29.99 10.47
C GLY C 104 -10.41 -30.22 11.42
N HIS C 105 -9.19 -30.40 10.86
CA HIS C 105 -7.96 -30.66 11.62
C HIS C 105 -7.65 -29.64 12.71
N SER C 106 -7.79 -28.34 12.41
CA SER C 106 -7.46 -27.31 13.40
C SER C 106 -8.52 -27.20 14.49
N ASP C 107 -9.77 -27.63 14.21
CA ASP C 107 -10.84 -27.64 15.21
C ASP C 107 -10.48 -28.63 16.30
N LEU C 108 -9.98 -29.80 15.90
CA LEU C 108 -9.55 -30.84 16.81
C LEU C 108 -8.28 -30.44 17.58
N LEU C 109 -7.35 -29.72 16.91
CA LEU C 109 -6.13 -29.27 17.58
C LEU C 109 -6.50 -28.31 18.70
N GLU C 110 -7.42 -27.39 18.42
CA GLU C 110 -7.85 -26.46 19.44
C GLU C 110 -8.52 -27.17 20.61
N ALA C 111 -9.44 -28.11 20.32
CA ALA C 111 -10.12 -28.91 21.33
C ALA C 111 -9.11 -29.68 22.17
N ARG C 112 -8.09 -30.27 21.53
CA ARG C 112 -7.07 -31.03 22.26
C ARG C 112 -6.23 -30.15 23.19
N ILE C 113 -5.88 -28.94 22.76
CA ILE C 113 -5.12 -28.00 23.59
C ILE C 113 -5.97 -27.54 24.76
N ARG C 114 -7.28 -27.33 24.52
CA ARG C 114 -8.24 -26.92 25.55
C ARG C 114 -8.30 -27.95 26.67
N ASN C 115 -8.00 -29.22 26.34
CA ASN C 115 -7.97 -30.30 27.32
C ASN C 115 -6.57 -30.71 27.77
N SER C 116 -5.56 -29.87 27.49
CA SER C 116 -4.16 -30.17 27.82
C SER C 116 -3.80 -30.28 29.32
N GLY C 117 -4.51 -29.57 30.17
CA GLY C 117 -4.26 -29.56 31.60
C GLY C 117 -4.21 -28.14 32.16
N ILE C 118 -4.06 -27.17 31.25
CA ILE C 118 -4.04 -25.76 31.61
C ILE C 118 -5.44 -25.35 32.08
N SER C 119 -5.50 -24.52 33.13
CA SER C 119 -6.76 -24.03 33.67
C SER C 119 -7.52 -23.18 32.63
N ASP C 120 -8.86 -23.29 32.62
CA ASP C 120 -9.71 -22.62 31.62
C ASP C 120 -9.56 -21.12 31.51
N GLU C 121 -9.28 -20.45 32.62
CA GLU C 121 -9.10 -19.00 32.56
C GLU C 121 -7.87 -18.55 31.77
N TYR C 122 -6.90 -19.43 31.52
CA TYR C 122 -5.71 -19.10 30.72
C TYR C 122 -5.93 -19.48 29.27
N ILE C 123 -6.66 -20.58 29.05
CA ILE C 123 -7.02 -21.07 27.73
C ILE C 123 -7.73 -20.01 26.92
N THR C 124 -8.70 -19.33 27.53
CA THR C 124 -9.54 -18.29 26.91
C THR C 124 -8.68 -17.17 26.23
N PRO C 125 -7.91 -16.40 27.05
CA PRO C 125 -7.06 -15.32 26.51
C PRO C 125 -6.00 -15.77 25.50
N MET C 126 -5.42 -16.96 25.71
CA MET C 126 -4.44 -17.59 24.83
C MET C 126 -5.03 -17.78 23.43
N PHE C 127 -6.22 -18.40 23.36
CA PHE C 127 -6.89 -18.66 22.07
C PHE C 127 -7.36 -17.41 21.40
N SER C 128 -7.81 -16.42 22.16
CA SER C 128 -8.23 -15.18 21.54
C SER C 128 -6.99 -14.51 20.96
N PHE C 129 -5.85 -14.52 21.69
CA PHE C 129 -4.60 -13.98 21.15
C PHE C 129 -4.18 -14.72 19.87
N TYR C 130 -4.19 -16.08 19.86
CA TYR C 130 -3.83 -16.84 18.65
C TYR C 130 -4.75 -16.48 17.51
N LYS C 131 -6.02 -16.25 17.82
CA LYS C 131 -7.00 -15.90 16.79
C LYS C 131 -6.79 -14.48 16.31
N SER C 132 -6.49 -13.55 17.22
CA SER C 132 -6.21 -12.17 16.85
C SER C 132 -4.94 -12.14 15.97
N ILE C 133 -3.92 -12.97 16.30
CA ILE C 133 -2.71 -13.09 15.49
C ILE C 133 -3.08 -13.60 14.09
N GLY C 134 -3.89 -14.66 14.06
CA GLY C 134 -4.35 -15.30 12.84
C GLY C 134 -4.97 -14.36 11.84
N GLU C 135 -5.72 -13.35 12.34
CA GLU C 135 -6.37 -12.35 11.49
C GLU C 135 -5.38 -11.54 10.66
N LEU C 136 -4.17 -11.28 11.20
CA LEU C 136 -3.13 -10.53 10.49
C LEU C 136 -2.63 -11.26 9.27
N LYS C 137 -2.81 -12.61 9.20
CA LYS C 137 -2.41 -13.48 8.07
C LYS C 137 -0.92 -13.25 7.71
N MET C 138 -0.05 -13.38 8.70
CA MET C 138 1.37 -13.13 8.52
C MET C 138 2.08 -14.18 7.71
N THR C 139 3.03 -13.73 6.89
CA THR C 139 3.93 -14.59 6.13
C THR C 139 4.99 -15.01 7.12
N GLN C 140 5.77 -16.06 6.78
CA GLN C 140 6.86 -16.54 7.63
C GLN C 140 7.87 -15.43 7.94
N GLU C 141 8.07 -14.51 6.98
CA GLU C 141 9.01 -13.39 7.15
C GLU C 141 8.54 -12.43 8.22
N GLU C 142 7.23 -12.18 8.29
CA GLU C 142 6.65 -11.30 9.29
C GLU C 142 6.79 -11.90 10.69
N TYR C 143 6.61 -13.22 10.80
CA TYR C 143 6.83 -13.88 12.08
C TYR C 143 8.30 -13.79 12.47
N ALA C 144 9.24 -14.03 11.52
CA ALA C 144 10.67 -13.98 11.83
C ALA C 144 11.07 -12.59 12.32
N LEU C 145 10.60 -11.55 11.63
CA LEU C 145 10.87 -10.17 11.97
C LEU C 145 10.24 -9.78 13.31
N LEU C 146 8.96 -10.16 13.53
CA LEU C 146 8.30 -9.87 14.79
C LEU C 146 9.03 -10.54 15.96
N THR C 147 9.52 -11.78 15.75
CA THR C 147 10.26 -12.49 16.79
C THR C 147 11.53 -11.73 17.15
N ALA C 148 12.31 -11.29 16.12
CA ALA C 148 13.54 -10.50 16.30
C ALA C 148 13.24 -9.20 17.04
N ILE C 149 12.12 -8.56 16.71
CA ILE C 149 11.66 -7.31 17.35
C ILE C 149 11.31 -7.49 18.84
N VAL C 150 10.63 -8.58 19.17
CA VAL C 150 10.30 -8.94 20.56
C VAL C 150 11.61 -9.15 21.37
N ILE C 151 12.58 -9.86 20.78
CA ILE C 151 13.86 -10.13 21.44
C ILE C 151 14.66 -8.87 21.70
N LEU C 152 14.71 -8.00 20.69
CA LEU C 152 15.49 -6.78 20.83
C LEU C 152 14.64 -5.63 21.37
N SER C 153 13.87 -5.89 22.46
CA SER C 153 13.02 -4.87 23.11
C SER C 153 13.84 -4.01 24.06
N PRO C 154 13.97 -2.70 23.69
CA PRO C 154 14.77 -1.76 24.51
C PRO C 154 14.24 -1.51 25.92
N ASP C 155 12.97 -1.81 26.16
CA ASP C 155 12.29 -1.56 27.41
C ASP C 155 12.14 -2.74 28.34
N ARG C 156 12.95 -3.79 28.16
CA ARG C 156 12.92 -4.89 29.10
C ARG C 156 13.44 -4.40 30.42
N GLN C 157 12.93 -4.95 31.52
CA GLN C 157 13.45 -4.55 32.81
C GLN C 157 14.90 -5.07 32.94
N TYR C 158 15.74 -4.34 33.70
CA TYR C 158 17.14 -4.70 33.95
C TYR C 158 18.10 -4.32 32.84
N ILE C 159 17.62 -3.70 31.76
CA ILE C 159 18.51 -3.30 30.68
C ILE C 159 19.24 -2.04 31.09
N LYS C 160 20.57 -2.06 31.02
CA LYS C 160 21.34 -0.90 31.42
C LYS C 160 21.52 0.10 30.30
N ASP C 161 21.75 -0.39 29.09
CA ASP C 161 21.93 0.48 27.96
C ASP C 161 20.75 0.36 26.98
N ARG C 162 19.66 1.06 27.30
CA ARG C 162 18.45 1.11 26.50
C ARG C 162 18.74 1.50 25.05
N GLU C 163 19.46 2.61 24.83
CA GLU C 163 19.78 3.09 23.47
C GLU C 163 20.59 2.09 22.61
N ALA C 164 21.45 1.26 23.23
CA ALA C 164 22.19 0.26 22.45
C ALA C 164 21.24 -0.80 21.86
N VAL C 165 20.20 -1.20 22.61
CA VAL C 165 19.19 -2.17 22.16
C VAL C 165 18.34 -1.54 21.05
N GLU C 166 17.95 -0.26 21.24
CA GLU C 166 17.12 0.47 20.29
C GLU C 166 17.72 0.52 18.90
N LYS C 167 19.03 0.80 18.79
CA LYS C 167 19.71 0.91 17.49
C LYS C 167 19.68 -0.40 16.73
N LEU C 168 19.69 -1.52 17.46
CA LEU C 168 19.63 -2.87 16.91
C LEU C 168 18.25 -3.23 16.41
N GLN C 169 17.22 -2.86 17.18
CA GLN C 169 15.82 -3.15 16.81
C GLN C 169 15.33 -2.29 15.66
N GLU C 170 15.85 -1.04 15.58
CA GLU C 170 15.51 -0.03 14.60
C GLU C 170 15.46 -0.57 13.17
N PRO C 171 16.56 -1.18 12.64
CA PRO C 171 16.54 -1.67 11.25
C PRO C 171 15.56 -2.82 11.01
N LEU C 172 15.25 -3.60 12.05
CA LEU C 172 14.30 -4.71 11.89
C LEU C 172 12.89 -4.20 11.83
N LEU C 173 12.61 -3.14 12.57
CA LEU C 173 11.31 -2.48 12.56
C LEU C 173 11.02 -1.87 11.20
N ASP C 174 12.05 -1.25 10.60
CA ASP C 174 11.94 -0.63 9.28
C ASP C 174 11.64 -1.64 8.20
N VAL C 175 12.29 -2.83 8.23
CA VAL C 175 12.02 -3.88 7.25
C VAL C 175 10.59 -4.41 7.43
N LEU C 176 10.17 -4.65 8.68
CA LEU C 176 8.82 -5.18 8.90
C LEU C 176 7.73 -4.24 8.39
N GLN C 177 7.90 -2.93 8.64
CA GLN C 177 6.97 -1.92 8.17
C GLN C 177 6.88 -1.96 6.63
N LYS C 178 8.00 -2.19 5.94
CA LYS C 178 7.94 -2.26 4.47
C LYS C 178 7.18 -3.50 4.00
N LEU C 179 7.41 -4.64 4.64
CA LEU C 179 6.67 -5.86 4.32
C LEU C 179 5.20 -5.65 4.49
N CYS C 180 4.82 -4.98 5.61
CA CYS C 180 3.43 -4.66 5.92
C CYS C 180 2.76 -3.86 4.82
N LYS C 181 3.48 -2.88 4.25
CA LYS C 181 2.99 -2.05 3.16
C LYS C 181 2.83 -2.91 1.89
N ILE C 182 3.86 -3.73 1.56
CA ILE C 182 3.86 -4.60 0.38
C ILE C 182 2.75 -5.64 0.45
N HIS C 183 2.55 -6.24 1.63
CA HIS C 183 1.54 -7.27 1.76
C HIS C 183 0.11 -6.78 1.96
N GLN C 184 -0.06 -5.56 2.51
CA GLN C 184 -1.38 -4.96 2.73
C GLN C 184 -1.36 -3.50 2.34
N PRO C 185 -1.19 -3.21 1.03
CA PRO C 185 -1.16 -1.79 0.60
C PRO C 185 -2.50 -1.11 0.82
N GLU C 186 -3.57 -1.89 0.95
CA GLU C 186 -4.89 -1.30 1.16
C GLU C 186 -5.18 -0.98 2.63
N ASN C 187 -4.33 -1.47 3.55
CA ASN C 187 -4.45 -1.32 5.00
C ASN C 187 -3.23 -0.57 5.60
N PRO C 188 -3.35 0.77 5.71
CA PRO C 188 -2.23 1.60 6.19
C PRO C 188 -1.90 1.44 7.68
N GLN C 189 -2.91 1.03 8.44
CA GLN C 189 -2.82 0.80 9.87
C GLN C 189 -2.23 -0.59 10.18
N HIS C 190 -2.01 -1.44 9.15
CA HIS C 190 -1.51 -2.80 9.34
C HIS C 190 -0.28 -2.91 10.25
N PHE C 191 0.80 -2.18 9.96
CA PHE C 191 2.00 -2.22 10.80
C PHE C 191 1.69 -1.90 12.28
N ALA C 192 0.91 -0.84 12.54
CA ALA C 192 0.55 -0.45 13.91
C ALA C 192 -0.21 -1.56 14.65
N CYS C 193 -1.15 -2.22 13.95
CA CYS C 193 -1.91 -3.33 14.49
C CYS C 193 -1.00 -4.46 14.90
N LEU C 194 0.06 -4.75 14.10
CA LEU C 194 1.05 -5.77 14.43
C LEU C 194 1.79 -5.44 15.71
N LEU C 195 2.23 -4.18 15.82
CA LEU C 195 2.94 -3.70 16.99
C LEU C 195 2.06 -3.74 18.23
N GLY C 196 0.75 -3.63 18.05
CA GLY C 196 -0.24 -3.75 19.11
C GLY C 196 -0.18 -5.13 19.75
N ARG C 197 0.17 -6.16 18.94
CA ARG C 197 0.31 -7.55 19.40
C ARG C 197 1.41 -7.71 20.42
N LEU C 198 2.40 -6.83 20.39
CA LEU C 198 3.50 -6.86 21.35
C LEU C 198 3.01 -6.55 22.74
N THR C 199 1.96 -5.71 22.85
CA THR C 199 1.35 -5.42 24.15
C THR C 199 0.53 -6.60 24.63
N GLU C 200 -0.23 -7.24 23.73
CA GLU C 200 -1.01 -8.41 24.14
C GLU C 200 -0.08 -9.51 24.64
N LEU C 201 1.09 -9.64 24.00
CA LEU C 201 2.09 -10.65 24.36
C LEU C 201 2.63 -10.52 25.77
N ARG C 202 2.87 -9.27 26.24
CA ARG C 202 3.45 -9.01 27.57
C ARG C 202 2.56 -9.50 28.71
N THR C 203 1.25 -9.56 28.47
CA THR C 203 0.30 -10.02 29.48
C THR C 203 0.54 -11.48 29.82
N PHE C 204 0.79 -12.32 28.81
CA PHE C 204 1.11 -13.73 29.03
C PHE C 204 2.37 -13.89 29.83
N ASN C 205 3.38 -13.08 29.49
CA ASN C 205 4.64 -13.08 30.19
C ASN C 205 4.40 -12.75 31.67
N HIS C 206 3.51 -11.77 31.94
CA HIS C 206 3.18 -11.36 33.29
C HIS C 206 2.68 -12.52 34.16
N HIS C 207 1.82 -13.38 33.61
CA HIS C 207 1.21 -14.47 34.35
C HIS C 207 1.66 -15.89 33.99
N HIS C 208 2.83 -16.06 33.34
CA HIS C 208 3.29 -17.39 32.93
C HIS C 208 3.43 -18.42 34.06
N ALA C 209 4.02 -18.04 35.20
CA ALA C 209 4.24 -18.98 36.31
C ALA C 209 2.93 -19.49 36.90
N GLU C 210 1.96 -18.59 37.09
CA GLU C 210 0.63 -18.95 37.58
C GLU C 210 -0.05 -19.84 36.55
N MET C 211 0.10 -19.53 35.25
CA MET C 211 -0.42 -20.32 34.14
C MET C 211 0.15 -21.77 34.20
N LEU C 212 1.48 -21.91 34.34
CA LEU C 212 2.14 -23.21 34.39
C LEU C 212 1.88 -23.95 35.71
N MET C 213 1.94 -23.23 36.85
CA MET C 213 1.71 -23.81 38.18
C MET C 213 0.27 -24.21 38.36
N SER C 214 -0.63 -23.70 37.52
CA SER C 214 -2.06 -23.98 37.57
C SER C 214 -2.42 -25.27 36.84
N TRP C 215 -1.45 -25.85 36.09
CA TRP C 215 -1.65 -27.06 35.29
C TRP C 215 -2.12 -28.20 36.18
N ARG C 216 -3.09 -28.98 35.69
CA ARG C 216 -3.66 -30.09 36.46
C ARG C 216 -2.67 -31.22 36.50
N VAL C 217 -1.88 -31.25 37.56
CA VAL C 217 -0.82 -32.23 37.79
C VAL C 217 -0.31 -32.00 39.20
N ASN C 218 0.15 -33.06 39.85
CA ASN C 218 0.69 -32.95 41.20
C ASN C 218 2.07 -32.33 41.21
N ASP C 219 2.96 -32.79 40.32
CA ASP C 219 4.31 -32.31 40.22
C ASP C 219 4.56 -31.49 38.99
N HIS C 220 5.02 -30.25 39.19
CA HIS C 220 5.35 -29.34 38.10
C HIS C 220 6.86 -29.29 38.03
N LYS C 221 7.42 -30.32 37.38
CA LYS C 221 8.86 -30.47 37.24
C LYS C 221 9.35 -29.82 35.96
N PHE C 222 10.27 -28.88 36.08
CA PHE C 222 10.91 -28.18 34.98
C PHE C 222 12.36 -28.61 34.85
N THR C 223 12.97 -28.28 33.70
CA THR C 223 14.36 -28.57 33.42
C THR C 223 15.21 -27.43 33.96
N PRO C 224 16.50 -27.65 34.29
CA PRO C 224 17.35 -26.53 34.75
C PRO C 224 17.40 -25.36 33.75
N LEU C 225 17.38 -25.64 32.43
CA LEU C 225 17.36 -24.58 31.42
C LEU C 225 16.08 -23.75 31.56
N LEU C 226 14.94 -24.42 31.78
CA LEU C 226 13.66 -23.71 31.97
C LEU C 226 13.65 -22.95 33.30
N CYS C 227 14.25 -23.55 34.34
CA CYS C 227 14.35 -22.92 35.66
C CYS C 227 15.08 -21.60 35.62
N GLU C 228 16.14 -21.50 34.80
CA GLU C 228 16.92 -20.28 34.70
C GLU C 228 16.21 -19.21 33.92
N ILE C 229 15.51 -19.60 32.86
CA ILE C 229 14.91 -18.65 31.96
C ILE C 229 13.50 -18.19 32.31
N TRP C 230 12.68 -19.07 32.89
CA TRP C 230 11.29 -18.79 33.30
C TRP C 230 11.20 -18.44 34.76
N ASP C 231 12.30 -18.63 35.50
CA ASP C 231 12.34 -18.40 36.94
C ASP C 231 11.19 -19.11 37.63
N VAL C 232 11.32 -20.43 37.67
CA VAL C 232 10.36 -21.33 38.28
C VAL C 232 11.19 -22.28 39.15
N GLN C 233 10.53 -23.18 39.90
CA GLN C 233 11.20 -24.14 40.78
C GLN C 233 12.23 -23.46 41.70
N HIS D 3 22.49 -18.53 36.19
CA HIS D 3 22.28 -18.46 34.75
C HIS D 3 23.44 -19.00 33.93
N GLN D 4 24.18 -19.96 34.51
CA GLN D 4 25.33 -20.59 33.87
C GLN D 4 25.00 -21.16 32.49
N LEU D 5 23.84 -21.84 32.38
CA LEU D 5 23.39 -22.43 31.12
C LEU D 5 23.16 -21.40 30.05
N LEU D 6 22.50 -20.29 30.41
CA LEU D 6 22.26 -19.20 29.47
C LEU D 6 23.54 -18.59 28.99
N ARG D 7 24.49 -18.38 29.90
CA ARG D 7 25.80 -17.86 29.52
C ARG D 7 26.58 -18.87 28.70
N TYR D 8 26.44 -20.16 29.01
CA TYR D 8 27.10 -21.20 28.23
C TYR D 8 26.60 -21.15 26.78
N LEU D 9 25.27 -21.11 26.58
CA LEU D 9 24.67 -21.07 25.25
C LEU D 9 25.07 -19.82 24.48
N LEU D 10 25.19 -18.68 25.17
CA LEU D 10 25.57 -17.40 24.57
C LEU D 10 27.01 -17.36 24.12
N ASP D 11 27.90 -17.93 24.95
CA ASP D 11 29.34 -17.92 24.69
C ASP D 11 29.88 -19.12 23.95
N LYS D 12 29.05 -20.11 23.63
CA LYS D 12 29.61 -21.25 22.93
C LYS D 12 29.84 -20.90 21.48
N ASP D 13 30.74 -21.64 20.83
CA ASP D 13 31.09 -21.39 19.45
C ASP D 13 30.64 -22.53 18.55
N1 OLF E . -5.52 7.64 -14.05
C2 OLF E . -4.70 8.64 -13.61
N3 OLF E . -5.29 9.34 -12.69
C4 OLF E . -6.69 7.75 -13.38
C5 OLF E . -6.54 8.85 -12.51
C6 OLF E . -6.19 6.65 -16.22
C7 OLF E . -5.17 6.66 -15.10
C8 OLF E . -7.88 7.03 -13.42
N9 OLF E . -6.71 7.85 -16.58
C10 OLF E . -7.59 9.22 -11.67
C11 OLF E . -8.90 7.40 -12.58
C12 OLF E . -7.66 8.04 -17.59
C13 OLF E . -10.62 8.66 -20.62
C14 OLF E . -3.35 8.86 -14.14
C15 OLF E . -8.75 8.48 -11.72
C16 OLF E . -9.59 8.44 -19.57
C17 OLF E . -8.25 8.23 -19.92
C18 OLF E . -7.28 8.06 -18.94
O19 OLF E . -6.56 5.62 -16.75
O20 OLF E . -11.75 9.00 -20.35
C21 OLF E . -9.00 8.25 -17.23
C22 OLF E . -9.95 8.44 -18.21
C23 OLF E . -4.55 5.36 -14.57
C24 OLF E . -2.25 8.55 -13.35
C25 OLF E . -3.18 9.30 -15.46
F26 OLF E . -10.06 6.71 -12.55
F27 OLF E . -9.78 8.79 -10.94
O28 OLF E . -10.30 8.49 -21.91
C29 OLF E . -0.80 9.19 -15.16
C30 OLF E . -0.97 8.74 -13.85
C31 OLF E . -1.90 9.46 -15.97
CL32 OLF E . 0.82 9.39 -15.78
C33 OLF E . -5.83 7.83 -19.35
C34 OLF E . -4.45 5.25 -13.05
C35 OLF E . -5.03 4.05 -15.21
C36 OLF E . -4.11 2.89 -14.83
C37 OLF E . -3.49 4.12 -12.67
C38 OLF E . -3.92 2.79 -13.30
N1 OLF F . 1.24 -25.00 22.77
C2 OLF F . 0.64 -23.90 23.32
N3 OLF F . -0.16 -23.33 22.46
C4 OLF F . 0.77 -25.12 21.50
C5 OLF F . -0.13 -24.04 21.30
C6 OLF F . 3.48 -26.01 22.61
C7 OLF F . 2.22 -25.85 23.44
C8 OLF F . 1.00 -26.03 20.48
N9 OLF F . 4.02 -24.87 22.10
C10 OLF F . -0.75 -23.87 20.05
C11 OLF F . 0.39 -25.86 19.27
C12 OLF F . 5.17 -24.85 21.30
C13 OLF F . 8.63 -24.72 18.83
C14 OLF F . 0.90 -23.48 24.70
C15 OLF F . -0.48 -24.79 19.06
C16 OLF F . 7.43 -24.78 19.70
C17 OLF F . 7.56 -24.86 21.09
C18 OLF F . 6.43 -24.87 21.89
O19 OLF F . 4.02 -27.09 22.43
O20 OLF F . 8.53 -24.55 17.63
C21 OLF F . 5.03 -24.78 19.92
C22 OLF F . 6.16 -24.75 19.11
C23 OLF F . 1.57 -27.08 24.09
C24 OLF F . -0.11 -23.63 25.66
C25 OLF F . 2.16 -23.03 25.08
F26 OLF F . 0.61 -26.75 18.28
F27 OLF F . -1.08 -24.67 17.85
O28 OLF F . 9.85 -24.87 19.37
C29 OLF F . 1.39 -22.83 27.34
C30 OLF F . 0.14 -23.29 26.98
C31 OLF F . 2.41 -22.72 26.41
CL32 OLF F . 1.69 -22.43 28.99
C33 OLF F . 6.62 -24.97 23.38
C34 OLF F . 0.22 -27.44 23.47
C35 OLF F . 2.48 -28.31 24.24
C36 OLF F . 1.78 -29.30 25.17
C37 OLF F . -0.49 -28.42 24.40
C38 OLF F . 0.38 -29.65 24.65
#